data_6N5U
#
_entry.id   6N5U
#
_cell.length_a   53.650
_cell.length_b   80.440
_cell.length_c   72.310
_cell.angle_alpha   90.00
_cell.angle_beta   94.75
_cell.angle_gamma   90.00
#
_symmetry.space_group_name_H-M   'P 1 21 1'
#
loop_
_entity.id
_entity.type
_entity.pdbx_description
1 polymer 'Protein SCO1 homolog 1, mitochondrial'
2 non-polymer 'COPPER (I) ION'
3 water water
#
_entity_poly.entity_id   1
_entity_poly.type   'polypeptide(L)'
_entity_poly.pdbx_seq_one_letter_code
;GSHMGKAAIGGPFSLIRDDGKRVTEKNLMGKWTILYFGFTHCPDICPDELIKLAAAIDKIKENSGVDVVPVFISVDPERD
TVQQVHEYVKEFHPKLIGLTGSPEEIKSVARSYRVYYMKTEEEDSDYLVDHSIVMYLMSPEMNFVKFYGKNHDVDSLTDG
VVKEIRQYRK
;
_entity_poly.pdbx_strand_id   A,B,C
#
loop_
_chem_comp.id
_chem_comp.type
_chem_comp.name
_chem_comp.formula
CU1 non-polymer 'COPPER (I) ION' 'Cu 1'
#
# COMPACT_ATOMS: atom_id res chain seq x y z
N ALA A 8 3.24 -18.52 9.31
CA ALA A 8 2.28 -17.74 10.10
C ALA A 8 2.06 -16.28 9.59
N ILE A 9 0.98 -15.66 10.12
CA ILE A 9 0.52 -14.31 9.78
C ILE A 9 1.42 -13.31 10.47
N GLY A 10 2.15 -12.58 9.65
CA GLY A 10 3.16 -11.62 10.06
C GLY A 10 4.49 -11.91 9.38
N GLY A 11 5.48 -11.12 9.74
CA GLY A 11 6.83 -11.25 9.20
C GLY A 11 7.60 -9.96 9.29
N PRO A 12 8.90 -10.00 8.88
CA PRO A 12 9.73 -8.78 8.94
C PRO A 12 9.18 -7.50 8.32
N PHE A 13 9.49 -6.39 8.96
CA PHE A 13 9.14 -5.05 8.52
C PHE A 13 10.24 -4.07 8.91
N SER A 14 10.32 -2.92 8.21
CA SER A 14 11.23 -1.84 8.53
C SER A 14 10.37 -0.58 8.48
N LEU A 15 9.94 -0.11 9.66
CA LEU A 15 9.05 1.04 9.79
C LEU A 15 9.71 2.15 10.61
N ILE A 16 9.04 3.32 10.71
CA ILE A 16 9.51 4.46 11.49
C ILE A 16 8.54 4.65 12.66
N ARG A 17 9.10 4.66 13.88
CA ARG A 17 8.34 4.83 15.12
C ARG A 17 7.99 6.31 15.34
N ASP A 18 6.95 6.58 16.14
CA ASP A 18 6.42 7.92 16.48
C ASP A 18 7.47 8.89 17.04
N ASP A 19 8.64 8.36 17.48
CA ASP A 19 9.74 9.14 18.02
C ASP A 19 10.75 9.52 16.93
N GLY A 20 10.55 9.00 15.72
CA GLY A 20 11.41 9.23 14.57
C GLY A 20 12.45 8.15 14.33
N LYS A 21 12.59 7.19 15.26
CA LYS A 21 13.54 6.07 15.18
C LYS A 21 13.06 5.03 14.17
N ARG A 22 14.01 4.43 13.41
CA ARG A 22 13.67 3.35 12.49
C ARG A 22 13.66 2.07 13.32
N VAL A 23 12.59 1.29 13.16
CA VAL A 23 12.40 0.04 13.90
C VAL A 23 12.12 -1.16 12.96
N THR A 24 12.29 -2.37 13.51
CA THR A 24 11.95 -3.64 12.90
C THR A 24 11.11 -4.41 13.93
N GLU A 25 10.69 -5.63 13.59
CA GLU A 25 9.93 -6.55 14.44
C GLU A 25 10.72 -6.88 15.71
N LYS A 26 12.06 -6.80 15.61
CA LYS A 26 13.01 -7.06 16.69
C LYS A 26 12.96 -6.00 17.80
N ASN A 27 12.49 -4.78 17.47
CA ASN A 27 12.36 -3.67 18.42
C ASN A 27 11.13 -3.83 19.32
N LEU A 28 10.21 -4.73 18.91
CA LEU A 28 8.96 -5.02 19.61
C LEU A 28 9.08 -6.27 20.48
N MET A 29 10.15 -7.05 20.28
CA MET A 29 10.44 -8.28 21.04
C MET A 29 10.81 -7.99 22.49
N GLY A 30 10.52 -8.96 23.36
CA GLY A 30 10.76 -8.87 24.80
C GLY A 30 9.50 -8.62 25.61
N LYS A 31 8.38 -8.27 24.96
CA LYS A 31 7.08 -8.02 25.60
C LYS A 31 5.92 -8.49 24.74
N TRP A 32 4.77 -8.87 25.38
CA TRP A 32 3.52 -9.23 24.68
C TRP A 32 3.03 -7.96 23.99
N THR A 33 2.64 -8.08 22.71
CA THR A 33 2.26 -6.95 21.87
C THR A 33 0.91 -7.14 21.18
N ILE A 34 0.13 -6.06 21.05
CA ILE A 34 -1.14 -6.07 20.32
C ILE A 34 -1.02 -5.06 19.20
N LEU A 35 -1.09 -5.51 17.92
CA LEU A 35 -0.95 -4.61 16.75
C LEU A 35 -2.32 -4.26 16.17
N TYR A 36 -2.60 -2.97 15.98
CA TYR A 36 -3.86 -2.48 15.42
C TYR A 36 -3.50 -1.64 14.21
N PHE A 37 -4.12 -1.96 13.08
CA PHE A 37 -3.85 -1.21 11.84
C PHE A 37 -4.97 -0.18 11.69
N GLY A 38 -4.58 1.07 11.52
CA GLY A 38 -5.53 2.17 11.40
C GLY A 38 -5.00 3.36 10.66
N PHE A 39 -5.70 4.51 10.76
CA PHE A 39 -5.36 5.81 10.15
C PHE A 39 -5.87 6.97 11.03
N THR A 40 -5.01 7.97 11.33
CA THR A 40 -5.32 9.07 12.26
C THR A 40 -6.55 9.89 11.87
N HIS A 41 -6.91 9.96 10.60
CA HIS A 41 -8.07 10.75 10.16
C HIS A 41 -9.39 9.97 10.16
N CYS A 42 -9.41 8.77 10.80
CA CYS A 42 -10.58 7.92 10.90
C CYS A 42 -11.60 8.53 11.83
N PRO A 43 -12.84 8.73 11.32
CA PRO A 43 -13.87 9.42 12.12
C PRO A 43 -14.38 8.71 13.38
N ASP A 44 -14.64 7.37 13.33
CA ASP A 44 -15.19 6.68 14.49
C ASP A 44 -14.54 5.34 14.84
N ILE A 45 -14.38 4.46 13.85
CA ILE A 45 -13.84 3.10 14.00
C ILE A 45 -12.51 3.06 14.78
N CYS A 46 -11.41 3.67 14.25
CA CYS A 46 -10.08 3.68 14.89
C CYS A 46 -10.11 4.31 16.29
N PRO A 47 -10.66 5.56 16.53
CA PRO A 47 -10.73 6.07 17.90
C PRO A 47 -11.40 5.09 18.88
N ASP A 48 -12.51 4.43 18.47
CA ASP A 48 -13.22 3.46 19.31
C ASP A 48 -12.38 2.23 19.66
N GLU A 49 -11.79 1.61 18.63
CA GLU A 49 -10.95 0.43 18.73
C GLU A 49 -9.73 0.64 19.60
N LEU A 50 -9.10 1.84 19.48
CA LEU A 50 -7.95 2.21 20.29
C LEU A 50 -8.35 2.50 21.72
N ILE A 51 -9.51 3.16 21.92
CA ILE A 51 -10.00 3.43 23.29
C ILE A 51 -10.18 2.06 23.98
N LYS A 52 -10.84 1.09 23.28
CA LYS A 52 -11.05 -0.31 23.70
C LYS A 52 -9.71 -0.94 24.06
N LEU A 53 -8.72 -0.85 23.14
CA LEU A 53 -7.38 -1.37 23.32
C LEU A 53 -6.64 -0.78 24.54
N ALA A 54 -6.68 0.56 24.72
CA ALA A 54 -6.02 1.23 25.82
C ALA A 54 -6.61 0.77 27.15
N ALA A 55 -7.95 0.70 27.24
CA ALA A 55 -8.62 0.25 28.46
C ALA A 55 -8.36 -1.23 28.70
N ALA A 56 -8.21 -2.02 27.60
CA ALA A 56 -7.91 -3.46 27.66
C ALA A 56 -6.48 -3.66 28.22
N ILE A 57 -5.49 -2.85 27.74
CA ILE A 57 -4.09 -2.85 28.20
C ILE A 57 -4.00 -2.75 29.72
N ASP A 58 -4.76 -1.78 30.29
CA ASP A 58 -4.85 -1.53 31.74
C ASP A 58 -5.54 -2.66 32.50
N LYS A 59 -6.63 -3.20 31.95
CA LYS A 59 -7.38 -4.29 32.58
C LYS A 59 -6.55 -5.57 32.65
N ILE A 60 -5.89 -5.94 31.53
CA ILE A 60 -4.98 -7.08 31.42
C ILE A 60 -3.95 -6.99 32.56
N LYS A 61 -3.28 -5.79 32.71
CA LYS A 61 -2.27 -5.56 33.73
C LYS A 61 -2.84 -5.74 35.13
N GLU A 62 -4.04 -5.21 35.40
CA GLU A 62 -4.70 -5.32 36.70
C GLU A 62 -5.01 -6.78 37.06
N ASN A 63 -5.47 -7.55 36.07
CA ASN A 63 -5.93 -8.94 36.23
C ASN A 63 -4.86 -10.01 36.15
N SER A 64 -3.82 -9.81 35.31
CA SER A 64 -2.73 -10.79 35.10
C SER A 64 -1.36 -10.38 35.65
N GLY A 65 -1.11 -9.07 35.67
CA GLY A 65 0.17 -8.49 36.05
C GLY A 65 1.11 -8.30 34.88
N VAL A 66 0.67 -8.68 33.66
CA VAL A 66 1.44 -8.61 32.40
C VAL A 66 1.29 -7.27 31.67
N ASP A 67 2.43 -6.65 31.33
CA ASP A 67 2.46 -5.42 30.54
C ASP A 67 2.36 -5.81 29.06
N VAL A 68 1.25 -5.43 28.42
CA VAL A 68 1.03 -5.70 27.00
C VAL A 68 1.20 -4.37 26.28
N VAL A 69 2.00 -4.36 25.19
CA VAL A 69 2.29 -3.13 24.45
C VAL A 69 1.33 -2.94 23.29
N PRO A 70 0.51 -1.86 23.31
CA PRO A 70 -0.36 -1.60 22.15
C PRO A 70 0.47 -0.95 21.06
N VAL A 71 0.23 -1.37 19.79
CA VAL A 71 0.93 -0.85 18.63
C VAL A 71 -0.06 -0.38 17.53
N PHE A 72 -0.04 0.91 17.19
CA PHE A 72 -0.82 1.46 16.10
C PHE A 72 0.05 1.49 14.81
N ILE A 73 -0.37 0.78 13.74
CA ILE A 73 0.36 0.82 12.44
C ILE A 73 -0.54 1.53 11.44
N SER A 74 -0.03 2.59 10.84
CA SER A 74 -0.79 3.42 9.91
C SER A 74 -0.94 2.84 8.52
N VAL A 75 -2.18 2.85 8.00
CA VAL A 75 -2.53 2.43 6.63
C VAL A 75 -2.77 3.69 5.77
N ASP A 76 -2.33 4.88 6.28
CA ASP A 76 -2.42 6.16 5.56
C ASP A 76 -1.11 6.93 5.66
N PRO A 77 0.02 6.41 5.07
CA PRO A 77 1.30 7.11 5.17
C PRO A 77 1.38 8.51 4.51
N GLU A 78 0.44 8.84 3.58
CA GLU A 78 0.45 10.13 2.88
C GLU A 78 0.14 11.28 3.80
N ARG A 79 -0.74 11.05 4.81
CA ARG A 79 -1.17 12.07 5.77
C ARG A 79 -0.59 11.85 7.16
N ASP A 80 -0.45 10.59 7.53
CA ASP A 80 0.05 10.18 8.83
C ASP A 80 1.58 10.14 8.87
N THR A 81 2.17 11.30 9.12
CA THR A 81 3.61 11.50 9.30
C THR A 81 4.00 11.10 10.75
N VAL A 82 5.32 11.08 11.05
CA VAL A 82 5.84 10.80 12.38
C VAL A 82 5.19 11.72 13.42
N GLN A 83 5.18 13.06 13.16
CA GLN A 83 4.61 14.07 14.06
C GLN A 83 3.12 13.90 14.23
N GLN A 84 2.40 13.53 13.13
CA GLN A 84 0.96 13.29 13.13
C GLN A 84 0.63 12.04 13.97
N VAL A 85 1.34 10.93 13.72
CA VAL A 85 1.16 9.67 14.44
C VAL A 85 1.50 9.86 15.93
N HIS A 86 2.60 10.59 16.24
CA HIS A 86 3.05 10.87 17.60
C HIS A 86 1.97 11.60 18.40
N GLU A 87 1.43 12.70 17.85
CA GLU A 87 0.39 13.51 18.46
C GLU A 87 -0.90 12.71 18.70
N TYR A 88 -1.24 11.85 17.74
CA TYR A 88 -2.44 11.01 17.78
C TYR A 88 -2.36 9.93 18.85
N VAL A 89 -1.27 9.13 18.87
CA VAL A 89 -1.07 7.98 19.77
C VAL A 89 -1.06 8.40 21.25
N LYS A 90 -0.42 9.54 21.55
CA LYS A 90 -0.32 10.09 22.91
C LYS A 90 -1.67 10.34 23.58
N GLU A 91 -2.74 10.51 22.75
CA GLU A 91 -4.13 10.79 23.18
C GLU A 91 -4.86 9.63 23.82
N PHE A 92 -4.50 8.37 23.44
CA PHE A 92 -5.19 7.13 23.86
C PHE A 92 -4.64 6.46 25.09
N HIS A 93 -3.31 6.34 25.15
CA HIS A 93 -2.59 5.65 26.22
C HIS A 93 -1.15 6.10 26.19
N PRO A 94 -0.50 6.32 27.35
CA PRO A 94 0.91 6.73 27.31
C PRO A 94 1.86 5.64 26.78
N LYS A 95 1.41 4.37 26.71
CA LYS A 95 2.27 3.28 26.30
C LYS A 95 1.97 2.79 24.89
N LEU A 96 1.24 3.61 24.09
CA LEU A 96 0.91 3.27 22.71
C LEU A 96 1.94 3.78 21.71
N ILE A 97 2.67 2.83 21.10
CA ILE A 97 3.68 3.02 20.03
C ILE A 97 2.94 3.24 18.69
N GLY A 98 3.41 4.20 17.92
CA GLY A 98 2.88 4.51 16.60
C GLY A 98 3.91 4.21 15.54
N LEU A 99 3.54 3.39 14.52
CA LEU A 99 4.42 3.01 13.41
C LEU A 99 3.86 3.51 12.11
N THR A 100 4.74 4.07 11.30
CA THR A 100 4.42 4.62 10.00
C THR A 100 5.57 4.21 9.03
N GLY A 101 5.58 4.77 7.82
CA GLY A 101 6.64 4.52 6.84
C GLY A 101 6.33 5.07 5.46
N SER A 102 7.06 4.56 4.46
CA SER A 102 6.87 4.91 3.07
C SER A 102 5.65 4.13 2.58
N PRO A 103 4.89 4.58 1.54
CA PRO A 103 3.73 3.79 1.09
C PRO A 103 4.06 2.33 0.72
N GLU A 104 5.35 2.08 0.32
CA GLU A 104 5.89 0.76 -0.04
C GLU A 104 6.17 -0.04 1.23
N GLU A 105 6.76 0.60 2.26
CA GLU A 105 7.06 -0.01 3.56
C GLU A 105 5.76 -0.50 4.21
N ILE A 106 4.70 0.36 4.16
CA ILE A 106 3.34 0.10 4.68
C ILE A 106 2.68 -1.03 3.89
N LYS A 107 2.92 -1.10 2.57
CA LYS A 107 2.40 -2.12 1.66
C LYS A 107 2.95 -3.49 2.03
N SER A 108 4.26 -3.56 2.36
CA SER A 108 4.96 -4.77 2.74
C SER A 108 4.45 -5.35 4.08
N VAL A 109 4.24 -4.47 5.09
CA VAL A 109 3.78 -4.90 6.42
C VAL A 109 2.28 -5.31 6.39
N ALA A 110 1.44 -4.61 5.60
CA ALA A 110 0.03 -4.95 5.49
C ALA A 110 -0.09 -6.30 4.80
N ARG A 111 0.72 -6.53 3.75
CA ARG A 111 0.78 -7.81 3.04
C ARG A 111 1.12 -8.94 4.02
N SER A 112 2.20 -8.76 4.82
CA SER A 112 2.70 -9.72 5.81
C SER A 112 1.63 -10.13 6.82
N TYR A 113 0.85 -9.16 7.28
CA TYR A 113 -0.22 -9.36 8.26
C TYR A 113 -1.57 -9.65 7.59
N ARG A 114 -1.61 -9.76 6.26
CA ARG A 114 -2.85 -10.05 5.51
C ARG A 114 -3.92 -8.98 5.77
N VAL A 115 -3.51 -7.73 5.70
CA VAL A 115 -4.38 -6.58 5.93
C VAL A 115 -4.79 -5.94 4.59
N TYR A 116 -6.10 -5.70 4.42
CA TYR A 116 -6.65 -5.01 3.27
C TYR A 116 -6.68 -3.51 3.64
N TYR A 117 -6.31 -2.64 2.69
CA TYR A 117 -6.38 -1.19 2.84
C TYR A 117 -6.52 -0.55 1.48
N MET A 118 -7.49 0.35 1.33
CA MET A 118 -7.76 1.01 0.05
C MET A 118 -8.33 2.41 0.26
N LYS A 119 -7.73 3.39 -0.41
CA LYS A 119 -8.17 4.78 -0.38
C LYS A 119 -9.56 4.87 -0.97
N THR A 120 -10.39 5.65 -0.30
CA THR A 120 -11.79 5.90 -0.58
C THR A 120 -11.94 7.41 -0.72
N GLU A 121 -12.39 7.90 -1.88
CA GLU A 121 -12.55 9.34 -2.09
C GLU A 121 -13.71 9.86 -1.26
N GLU A 122 -13.51 11.04 -0.68
CA GLU A 122 -14.45 11.74 0.20
C GLU A 122 -14.51 13.23 -0.15
N GLU A 123 -15.65 13.87 0.14
CA GLU A 123 -15.88 15.30 -0.11
C GLU A 123 -15.58 16.14 1.14
N ASP A 124 -15.96 15.64 2.35
CA ASP A 124 -15.71 16.29 3.64
C ASP A 124 -14.25 16.07 4.05
N SER A 125 -13.82 14.79 4.13
CA SER A 125 -12.41 14.42 4.33
C SER A 125 -11.81 14.49 2.91
N ASP A 126 -10.48 14.55 2.72
CA ASP A 126 -10.02 14.55 1.31
C ASP A 126 -10.33 13.17 0.75
N TYR A 127 -10.11 12.16 1.60
CA TYR A 127 -10.32 10.76 1.38
C TYR A 127 -10.25 10.06 2.74
N LEU A 128 -10.73 8.83 2.77
CA LEU A 128 -10.61 7.96 3.93
C LEU A 128 -9.92 6.70 3.44
N VAL A 129 -9.44 5.88 4.34
CA VAL A 129 -8.83 4.60 4.00
C VAL A 129 -9.76 3.49 4.52
N ASP A 130 -10.29 2.69 3.61
CA ASP A 130 -11.14 1.55 3.93
C ASP A 130 -10.16 0.42 4.28
N HIS A 131 -10.32 -0.19 5.44
CA HIS A 131 -9.36 -1.22 5.88
C HIS A 131 -9.96 -2.26 6.80
N SER A 132 -9.17 -3.30 7.06
CA SER A 132 -9.51 -4.44 7.91
C SER A 132 -9.51 -3.97 9.36
N ILE A 133 -10.59 -4.25 10.11
CA ILE A 133 -10.67 -3.86 11.54
C ILE A 133 -10.17 -5.07 12.28
N VAL A 134 -8.87 -5.00 12.62
CA VAL A 134 -8.10 -6.12 13.15
C VAL A 134 -7.17 -5.78 14.34
N MET A 135 -6.93 -6.75 15.23
CA MET A 135 -5.98 -6.70 16.33
C MET A 135 -5.25 -8.03 16.35
N TYR A 136 -3.94 -7.98 16.53
CA TYR A 136 -3.09 -9.17 16.50
C TYR A 136 -2.29 -9.28 17.77
N LEU A 137 -2.52 -10.34 18.53
CA LEU A 137 -1.77 -10.51 19.76
C LEU A 137 -0.52 -11.32 19.40
N MET A 138 0.62 -10.62 19.35
CA MET A 138 1.96 -11.16 19.11
C MET A 138 2.54 -11.45 20.49
N SER A 139 3.40 -12.48 20.58
CA SER A 139 4.03 -12.87 21.84
C SER A 139 5.41 -12.15 22.09
N PRO A 140 6.13 -12.40 23.23
CA PRO A 140 7.42 -11.72 23.44
C PRO A 140 8.55 -12.08 22.46
N GLU A 141 8.32 -13.09 21.60
CA GLU A 141 9.27 -13.48 20.55
C GLU A 141 8.69 -13.11 19.18
N MET A 142 7.68 -12.22 19.17
CA MET A 142 6.96 -11.70 18.00
C MET A 142 6.40 -12.81 17.09
N ASN A 143 5.79 -13.83 17.70
CA ASN A 143 5.10 -14.89 16.97
C ASN A 143 3.59 -14.67 17.21
N PHE A 144 2.80 -14.69 16.13
CA PHE A 144 1.34 -14.54 16.18
C PHE A 144 0.69 -15.58 17.10
N VAL A 145 -0.22 -15.12 17.97
CA VAL A 145 -0.93 -15.97 18.93
C VAL A 145 -2.45 -15.97 18.65
N LYS A 146 -3.11 -14.79 18.72
CA LYS A 146 -4.54 -14.70 18.49
C LYS A 146 -4.98 -13.40 17.79
N PHE A 147 -6.04 -13.51 16.98
CA PHE A 147 -6.69 -12.43 16.28
C PHE A 147 -7.94 -11.98 17.06
N TYR A 148 -8.25 -10.67 17.02
CA TYR A 148 -9.42 -10.07 17.69
C TYR A 148 -10.11 -9.04 16.75
N GLY A 149 -11.35 -9.36 16.37
CA GLY A 149 -12.16 -8.52 15.49
C GLY A 149 -12.89 -7.35 16.17
N LYS A 150 -13.73 -6.65 15.38
CA LYS A 150 -14.54 -5.49 15.77
C LYS A 150 -15.56 -5.82 16.86
N ASN A 151 -16.10 -7.04 16.85
CA ASN A 151 -17.15 -7.50 17.76
C ASN A 151 -16.77 -7.61 19.27
N HIS A 152 -15.46 -7.67 19.60
CA HIS A 152 -14.96 -7.72 20.96
C HIS A 152 -15.21 -6.41 21.70
N ASP A 153 -15.56 -6.51 23.00
CA ASP A 153 -15.75 -5.45 23.97
C ASP A 153 -14.46 -5.45 24.80
N VAL A 154 -14.24 -4.43 25.68
CA VAL A 154 -13.05 -4.40 26.56
C VAL A 154 -12.91 -5.71 27.37
N ASP A 155 -14.04 -6.23 27.86
CA ASP A 155 -14.05 -7.45 28.64
C ASP A 155 -13.66 -8.70 27.83
N SER A 156 -14.19 -8.85 26.62
CA SER A 156 -13.85 -10.02 25.81
C SER A 156 -12.43 -10.01 25.23
N LEU A 157 -11.82 -8.80 25.13
CA LEU A 157 -10.44 -8.63 24.68
C LEU A 157 -9.51 -8.98 25.83
N THR A 158 -9.76 -8.37 27.01
CA THR A 158 -9.00 -8.57 28.24
C THR A 158 -8.97 -10.06 28.59
N ASP A 159 -10.15 -10.68 28.81
CA ASP A 159 -10.32 -12.10 29.14
C ASP A 159 -9.56 -13.02 28.21
N GLY A 160 -9.71 -12.76 26.91
CA GLY A 160 -9.04 -13.49 25.85
C GLY A 160 -7.54 -13.36 25.91
N VAL A 161 -7.01 -12.13 25.90
CA VAL A 161 -5.56 -11.89 25.94
C VAL A 161 -4.96 -12.56 27.18
N VAL A 162 -5.62 -12.38 28.36
CA VAL A 162 -5.21 -12.95 29.65
C VAL A 162 -5.16 -14.49 29.57
N LYS A 163 -6.17 -15.14 28.93
CA LYS A 163 -6.26 -16.60 28.74
C LYS A 163 -5.08 -17.11 27.92
N GLU A 164 -4.79 -16.44 26.80
CA GLU A 164 -3.70 -16.78 25.90
C GLU A 164 -2.35 -16.73 26.61
N ILE A 165 -2.04 -15.60 27.30
CA ILE A 165 -0.78 -15.38 28.01
C ILE A 165 -0.45 -16.53 28.98
N ARG A 166 -1.44 -16.93 29.80
CA ARG A 166 -1.31 -17.98 30.81
C ARG A 166 -1.05 -19.36 30.19
N GLN A 167 -1.68 -19.65 29.04
CA GLN A 167 -1.55 -20.90 28.28
C GLN A 167 -0.29 -20.94 27.38
N TYR A 168 0.39 -19.80 27.19
CA TYR A 168 1.57 -19.70 26.34
C TYR A 168 2.83 -19.96 27.15
N ALA B 8 -18.23 -25.88 -21.01
CA ALA B 8 -17.74 -24.64 -20.41
C ALA B 8 -16.44 -24.80 -19.61
N ILE B 9 -15.94 -23.67 -19.04
CA ILE B 9 -14.72 -23.55 -18.21
C ILE B 9 -14.93 -24.36 -16.92
N GLY B 10 -14.12 -25.39 -16.75
CA GLY B 10 -14.23 -26.21 -15.56
C GLY B 10 -14.64 -27.62 -15.86
N GLY B 11 -14.81 -28.38 -14.80
CA GLY B 11 -15.20 -29.77 -14.89
C GLY B 11 -14.80 -30.58 -13.68
N PRO B 12 -15.20 -31.86 -13.62
CA PRO B 12 -14.86 -32.71 -12.46
C PRO B 12 -13.40 -32.72 -12.00
N PHE B 13 -13.22 -32.81 -10.70
CA PHE B 13 -11.93 -32.92 -10.04
C PHE B 13 -12.08 -33.78 -8.79
N SER B 14 -10.97 -34.36 -8.31
CA SER B 14 -10.91 -35.11 -7.08
C SER B 14 -9.69 -34.59 -6.36
N LEU B 15 -9.90 -33.69 -5.41
CA LEU B 15 -8.82 -33.03 -4.67
C LEU B 15 -8.93 -33.32 -3.17
N ILE B 16 -7.94 -32.86 -2.38
CA ILE B 16 -7.90 -32.99 -0.94
C ILE B 16 -8.03 -31.63 -0.33
N ARG B 17 -9.03 -31.45 0.55
CA ARG B 17 -9.32 -30.20 1.23
C ARG B 17 -8.35 -29.98 2.40
N ASP B 18 -8.17 -28.72 2.81
CA ASP B 18 -7.28 -28.27 3.89
C ASP B 18 -7.53 -28.97 5.25
N ASP B 19 -8.68 -29.65 5.38
CA ASP B 19 -9.06 -30.38 6.59
C ASP B 19 -8.65 -31.87 6.49
N GLY B 20 -8.14 -32.27 5.33
CA GLY B 20 -7.70 -33.63 5.05
C GLY B 20 -8.72 -34.48 4.32
N LYS B 21 -9.96 -33.97 4.17
CA LYS B 21 -11.08 -34.65 3.49
C LYS B 21 -10.89 -34.67 1.99
N ARG B 22 -11.24 -35.79 1.32
CA ARG B 22 -11.22 -35.82 -0.14
C ARG B 22 -12.53 -35.20 -0.62
N VAL B 23 -12.42 -34.29 -1.59
CA VAL B 23 -13.56 -33.59 -2.15
C VAL B 23 -13.62 -33.67 -3.68
N THR B 24 -14.80 -33.37 -4.23
CA THR B 24 -15.07 -33.24 -5.66
C THR B 24 -15.78 -31.88 -5.83
N GLU B 25 -16.15 -31.53 -7.08
CA GLU B 25 -16.88 -30.32 -7.44
C GLU B 25 -18.24 -30.29 -6.74
N LYS B 26 -18.76 -31.48 -6.41
CA LYS B 26 -20.04 -31.68 -5.73
C LYS B 26 -20.03 -31.21 -4.28
N ASN B 27 -18.83 -31.15 -3.65
CA ASN B 27 -18.64 -30.68 -2.27
C ASN B 27 -18.70 -29.16 -2.16
N LEU B 28 -18.58 -28.48 -3.32
CA LEU B 28 -18.60 -27.02 -3.44
C LEU B 28 -19.98 -26.51 -3.84
N MET B 29 -20.86 -27.41 -4.29
CA MET B 29 -22.23 -27.09 -4.69
C MET B 29 -23.10 -26.66 -3.50
N GLY B 30 -24.10 -25.84 -3.77
CA GLY B 30 -25.03 -25.31 -2.78
C GLY B 30 -24.77 -23.85 -2.43
N LYS B 31 -23.61 -23.30 -2.87
CA LYS B 31 -23.22 -21.91 -2.62
C LYS B 31 -22.43 -21.31 -3.78
N TRP B 32 -22.53 -19.96 -3.98
CA TRP B 32 -21.73 -19.20 -4.96
C TRP B 32 -20.26 -19.33 -4.54
N THR B 33 -19.38 -19.63 -5.49
CA THR B 33 -17.97 -19.93 -5.24
C THR B 33 -17.04 -19.10 -6.13
N ILE B 34 -15.91 -18.66 -5.57
CA ILE B 34 -14.85 -17.96 -6.33
C ILE B 34 -13.58 -18.79 -6.23
N LEU B 35 -13.12 -19.32 -7.36
CA LEU B 35 -11.93 -20.16 -7.44
C LEU B 35 -10.71 -19.36 -7.87
N TYR B 36 -9.65 -19.43 -7.06
CA TYR B 36 -8.36 -18.77 -7.33
C TYR B 36 -7.28 -19.84 -7.24
N PHE B 37 -6.41 -19.85 -8.25
CA PHE B 37 -5.30 -20.81 -8.37
C PHE B 37 -4.03 -20.07 -8.00
N GLY B 38 -3.25 -20.69 -7.14
CA GLY B 38 -1.99 -20.13 -6.69
C GLY B 38 -1.11 -21.10 -5.93
N PHE B 39 -0.13 -20.56 -5.18
CA PHE B 39 0.82 -21.36 -4.40
C PHE B 39 1.22 -20.59 -3.15
N THR B 40 1.37 -21.32 -2.00
CA THR B 40 1.64 -20.74 -0.68
C THR B 40 3.00 -20.02 -0.59
N HIS B 41 3.97 -20.39 -1.39
CA HIS B 41 5.28 -19.75 -1.36
C HIS B 41 5.41 -18.54 -2.32
N CYS B 42 4.28 -18.03 -2.85
CA CYS B 42 4.22 -16.90 -3.77
C CYS B 42 4.60 -15.61 -3.05
N PRO B 43 5.64 -14.88 -3.52
CA PRO B 43 6.12 -13.70 -2.77
C PRO B 43 5.16 -12.53 -2.63
N ASP B 44 4.45 -12.13 -3.71
CA ASP B 44 3.57 -10.96 -3.66
C ASP B 44 2.21 -11.14 -4.29
N ILE B 45 2.16 -11.69 -5.53
CA ILE B 45 0.94 -11.89 -6.33
C ILE B 45 -0.19 -12.56 -5.55
N CYS B 46 -0.01 -13.85 -5.11
CA CYS B 46 -1.03 -14.62 -4.38
C CYS B 46 -1.45 -13.93 -3.08
N PRO B 47 -0.53 -13.52 -2.14
CA PRO B 47 -0.98 -12.80 -0.93
C PRO B 47 -1.87 -11.59 -1.25
N ASP B 48 -1.52 -10.78 -2.30
CA ASP B 48 -2.31 -9.62 -2.73
C ASP B 48 -3.70 -9.99 -3.24
N GLU B 49 -3.77 -10.97 -4.13
CA GLU B 49 -4.98 -11.50 -4.73
C GLU B 49 -5.97 -12.06 -3.69
N LEU B 50 -5.49 -12.98 -2.83
CA LEU B 50 -6.25 -13.52 -1.71
C LEU B 50 -6.71 -12.41 -0.74
N ILE B 51 -5.87 -11.37 -0.46
CA ILE B 51 -6.29 -10.24 0.39
C ILE B 51 -7.52 -9.56 -0.27
N LYS B 52 -7.40 -9.26 -1.60
CA LYS B 52 -8.48 -8.68 -2.41
C LYS B 52 -9.74 -9.52 -2.31
N LEU B 53 -9.59 -10.85 -2.55
CA LEU B 53 -10.70 -11.81 -2.50
C LEU B 53 -11.39 -11.90 -1.11
N ALA B 54 -10.62 -11.98 0.00
CA ALA B 54 -11.14 -12.06 1.37
C ALA B 54 -11.95 -10.85 1.70
N ALA B 55 -11.44 -9.64 1.32
CA ALA B 55 -12.14 -8.39 1.56
C ALA B 55 -13.36 -8.27 0.65
N ALA B 56 -13.28 -8.83 -0.57
CA ALA B 56 -14.40 -8.83 -1.53
C ALA B 56 -15.56 -9.72 -0.98
N ILE B 57 -15.23 -10.93 -0.44
CA ILE B 57 -16.17 -11.87 0.18
C ILE B 57 -17.05 -11.17 1.24
N ASP B 58 -16.41 -10.38 2.12
CA ASP B 58 -17.05 -9.60 3.18
C ASP B 58 -17.90 -8.45 2.65
N LYS B 59 -17.40 -7.74 1.64
CA LYS B 59 -18.13 -6.64 1.03
C LYS B 59 -19.39 -7.15 0.30
N ILE B 60 -19.27 -8.30 -0.44
CA ILE B 60 -20.37 -8.95 -1.16
C ILE B 60 -21.48 -9.21 -0.19
N LYS B 61 -21.13 -9.84 0.95
CA LYS B 61 -22.07 -10.20 2.00
C LYS B 61 -22.77 -8.98 2.59
N GLU B 62 -22.02 -7.90 2.87
CA GLU B 62 -22.56 -6.66 3.43
C GLU B 62 -23.55 -5.99 2.46
N ASN B 63 -23.23 -5.99 1.16
CA ASN B 63 -23.98 -5.31 0.10
C ASN B 63 -25.13 -6.08 -0.51
N SER B 64 -25.00 -7.43 -0.61
CA SER B 64 -26.01 -8.28 -1.23
C SER B 64 -26.75 -9.22 -0.26
N GLY B 65 -26.05 -9.62 0.80
CA GLY B 65 -26.52 -10.60 1.76
C GLY B 65 -26.14 -12.02 1.41
N VAL B 66 -25.44 -12.23 0.26
CA VAL B 66 -25.01 -13.53 -0.28
C VAL B 66 -23.64 -13.99 0.25
N ASP B 67 -23.59 -15.23 0.78
CA ASP B 67 -22.36 -15.86 1.22
C ASP B 67 -21.65 -16.48 -0.02
N VAL B 68 -20.50 -15.94 -0.38
CA VAL B 68 -19.71 -16.43 -1.48
C VAL B 68 -18.50 -17.13 -0.86
N VAL B 69 -18.19 -18.37 -1.33
CA VAL B 69 -17.10 -19.17 -0.78
C VAL B 69 -15.83 -18.98 -1.57
N PRO B 70 -14.76 -18.43 -0.95
CA PRO B 70 -13.48 -18.33 -1.67
C PRO B 70 -12.77 -19.69 -1.64
N VAL B 71 -12.13 -20.10 -2.75
CA VAL B 71 -11.44 -21.38 -2.86
C VAL B 71 -10.05 -21.16 -3.42
N PHE B 72 -9.01 -21.58 -2.68
CA PHE B 72 -7.63 -21.55 -3.14
C PHE B 72 -7.27 -22.97 -3.60
N ILE B 73 -6.82 -23.09 -4.88
CA ILE B 73 -6.36 -24.35 -5.47
C ILE B 73 -4.86 -24.18 -5.72
N SER B 74 -4.05 -25.09 -5.15
CA SER B 74 -2.61 -25.03 -5.27
C SER B 74 -2.08 -25.59 -6.60
N VAL B 75 -1.17 -24.83 -7.24
CA VAL B 75 -0.46 -25.21 -8.47
C VAL B 75 0.98 -25.65 -8.10
N ASP B 76 1.22 -25.93 -6.80
CA ASP B 76 2.52 -26.37 -6.26
C ASP B 76 2.30 -27.53 -5.27
N PRO B 77 1.78 -28.69 -5.71
CA PRO B 77 1.55 -29.81 -4.78
C PRO B 77 2.79 -30.41 -4.09
N GLU B 78 4.03 -30.16 -4.62
CA GLU B 78 5.28 -30.69 -4.05
C GLU B 78 5.57 -30.08 -2.68
N ARG B 79 5.23 -28.79 -2.49
CA ARG B 79 5.48 -28.05 -1.25
C ARG B 79 4.20 -27.80 -0.45
N ASP B 80 3.09 -27.56 -1.17
CA ASP B 80 1.82 -27.20 -0.57
C ASP B 80 1.01 -28.45 -0.15
N THR B 81 1.34 -29.00 1.03
CA THR B 81 0.69 -30.15 1.66
C THR B 81 -0.61 -29.68 2.34
N VAL B 82 -1.45 -30.61 2.83
CA VAL B 82 -2.70 -30.32 3.55
C VAL B 82 -2.44 -29.34 4.70
N GLN B 83 -1.43 -29.64 5.56
CA GLN B 83 -1.07 -28.82 6.71
C GLN B 83 -0.57 -27.45 6.31
N GLN B 84 0.21 -27.37 5.19
CA GLN B 84 0.74 -26.14 4.63
C GLN B 84 -0.39 -25.27 4.09
N VAL B 85 -1.28 -25.86 3.27
CA VAL B 85 -2.43 -25.17 2.69
C VAL B 85 -3.38 -24.69 3.78
N HIS B 86 -3.64 -25.52 4.80
CA HIS B 86 -4.50 -25.21 5.94
C HIS B 86 -4.01 -23.97 6.68
N GLU B 87 -2.72 -23.97 7.06
CA GLU B 87 -2.07 -22.88 7.78
C GLU B 87 -2.09 -21.58 6.97
N TYR B 88 -1.89 -21.68 5.67
CA TYR B 88 -1.87 -20.53 4.75
C TYR B 88 -3.23 -19.87 4.62
N VAL B 89 -4.28 -20.62 4.26
CA VAL B 89 -5.64 -20.10 4.03
C VAL B 89 -6.27 -19.44 5.28
N LYS B 90 -6.02 -20.00 6.48
CA LYS B 90 -6.54 -19.50 7.76
C LYS B 90 -6.08 -18.01 8.04
N GLU B 91 -4.97 -17.58 7.38
CA GLU B 91 -4.37 -16.25 7.50
C GLU B 91 -5.16 -15.13 6.82
N PHE B 92 -5.91 -15.47 5.74
CA PHE B 92 -6.62 -14.50 4.91
C PHE B 92 -8.07 -14.23 5.30
N HIS B 93 -8.81 -15.29 5.54
CA HIS B 93 -10.23 -15.27 5.83
C HIS B 93 -10.61 -16.59 6.51
N PRO B 94 -11.51 -16.58 7.50
CA PRO B 94 -11.88 -17.85 8.12
C PRO B 94 -12.67 -18.79 7.20
N LYS B 95 -13.23 -18.27 6.10
CA LYS B 95 -14.04 -19.10 5.21
C LYS B 95 -13.34 -19.46 3.87
N LEU B 96 -12.01 -19.22 3.75
CA LEU B 96 -11.24 -19.56 2.57
C LEU B 96 -10.83 -21.04 2.61
N ILE B 97 -11.40 -21.86 1.69
CA ILE B 97 -11.15 -23.30 1.52
C ILE B 97 -9.87 -23.49 0.68
N GLY B 98 -9.01 -24.41 1.09
CA GLY B 98 -7.79 -24.73 0.36
C GLY B 98 -7.85 -26.14 -0.20
N LEU B 99 -7.65 -26.30 -1.53
CA LEU B 99 -7.67 -27.59 -2.21
C LEU B 99 -6.30 -27.91 -2.75
N THR B 100 -5.86 -29.15 -2.53
CA THR B 100 -4.57 -29.60 -3.03
C THR B 100 -4.70 -31.05 -3.54
N GLY B 101 -3.60 -31.67 -3.95
CA GLY B 101 -3.67 -33.03 -4.41
C GLY B 101 -2.37 -33.57 -4.92
N SER B 102 -2.46 -34.62 -5.76
CA SER B 102 -1.29 -35.25 -6.37
C SER B 102 -0.90 -34.39 -7.55
N PRO B 103 0.38 -34.44 -8.02
CA PRO B 103 0.75 -33.68 -9.22
C PRO B 103 -0.24 -33.86 -10.37
N GLU B 104 -0.70 -35.10 -10.56
CA GLU B 104 -1.63 -35.55 -11.60
C GLU B 104 -3.02 -34.97 -11.39
N GLU B 105 -3.52 -35.02 -10.15
CA GLU B 105 -4.82 -34.48 -9.74
C GLU B 105 -4.89 -32.99 -10.05
N ILE B 106 -3.80 -32.24 -9.70
CA ILE B 106 -3.60 -30.80 -9.92
C ILE B 106 -3.52 -30.50 -11.43
N LYS B 107 -2.88 -31.39 -12.21
CA LYS B 107 -2.74 -31.30 -13.67
C LYS B 107 -4.12 -31.36 -14.36
N SER B 108 -4.97 -32.27 -13.89
CA SER B 108 -6.32 -32.48 -14.40
C SER B 108 -7.23 -31.25 -14.14
N VAL B 109 -7.19 -30.69 -12.93
CA VAL B 109 -8.03 -29.54 -12.57
C VAL B 109 -7.56 -28.23 -13.27
N ALA B 110 -6.23 -28.03 -13.42
CA ALA B 110 -5.71 -26.86 -14.10
C ALA B 110 -6.12 -26.93 -15.55
N ARG B 111 -6.01 -28.13 -16.19
CA ARG B 111 -6.44 -28.37 -17.56
C ARG B 111 -7.91 -27.98 -17.74
N SER B 112 -8.79 -28.50 -16.85
CA SER B 112 -10.24 -28.27 -16.85
C SER B 112 -10.60 -26.79 -16.81
N TYR B 113 -9.88 -26.02 -15.98
CA TYR B 113 -10.08 -24.58 -15.78
C TYR B 113 -9.22 -23.74 -16.74
N ARG B 114 -8.46 -24.40 -17.65
CA ARG B 114 -7.65 -23.68 -18.63
C ARG B 114 -6.59 -22.82 -17.95
N VAL B 115 -5.95 -23.37 -16.91
CA VAL B 115 -4.91 -22.69 -16.14
C VAL B 115 -3.51 -23.15 -16.57
N TYR B 116 -2.61 -22.19 -16.83
CA TYR B 116 -1.21 -22.42 -17.13
C TYR B 116 -0.45 -22.42 -15.80
N TYR B 117 0.48 -23.36 -15.63
CA TYR B 117 1.34 -23.43 -14.45
C TYR B 117 2.66 -24.12 -14.83
N MET B 118 3.78 -23.51 -14.44
CA MET B 118 5.09 -24.05 -14.76
C MET B 118 6.12 -23.68 -13.68
N LYS B 119 6.81 -24.70 -13.15
CA LYS B 119 7.89 -24.49 -12.19
C LYS B 119 9.02 -23.70 -12.85
N THR B 120 9.55 -22.71 -12.14
CA THR B 120 10.64 -21.87 -12.64
C THR B 120 11.66 -21.80 -11.52
N GLU B 121 12.89 -22.30 -11.79
CA GLU B 121 13.99 -22.35 -10.83
C GLU B 121 14.39 -20.95 -10.30
N ASP B 126 13.34 -22.00 -3.43
CA ASP B 126 14.00 -23.07 -4.17
C ASP B 126 13.60 -22.95 -5.63
N TYR B 127 12.34 -22.59 -5.85
CA TYR B 127 11.70 -22.40 -7.13
C TYR B 127 10.38 -21.67 -6.87
N LEU B 128 9.81 -21.13 -7.93
CA LEU B 128 8.52 -20.50 -7.91
C LEU B 128 7.70 -21.21 -8.98
N VAL B 129 6.39 -20.98 -9.01
CA VAL B 129 5.52 -21.54 -10.02
C VAL B 129 4.94 -20.33 -10.78
N ASP B 130 5.25 -20.25 -12.06
CA ASP B 130 4.76 -19.22 -12.94
C ASP B 130 3.36 -19.71 -13.35
N HIS B 131 2.34 -18.88 -13.13
CA HIS B 131 0.96 -19.30 -13.40
C HIS B 131 0.01 -18.18 -13.81
N SER B 132 -1.20 -18.56 -14.23
CA SER B 132 -2.26 -17.68 -14.66
C SER B 132 -2.85 -17.01 -13.44
N ILE B 133 -2.97 -15.66 -13.46
CA ILE B 133 -3.56 -14.92 -12.34
C ILE B 133 -5.04 -14.80 -12.64
N VAL B 134 -5.81 -15.73 -12.04
CA VAL B 134 -7.21 -15.95 -12.34
C VAL B 134 -8.11 -16.15 -11.10
N MET B 135 -9.40 -15.78 -11.23
CA MET B 135 -10.49 -15.89 -10.26
C MET B 135 -11.70 -16.26 -11.08
N TYR B 136 -12.40 -17.33 -10.68
CA TYR B 136 -13.54 -17.89 -11.41
C TYR B 136 -14.81 -17.88 -10.58
N LEU B 137 -15.81 -17.09 -10.99
CA LEU B 137 -17.10 -17.07 -10.30
C LEU B 137 -17.95 -18.23 -10.84
N MET B 138 -18.29 -19.15 -9.93
CA MET B 138 -19.05 -20.39 -10.12
C MET B 138 -20.38 -20.33 -9.37
N SER B 139 -21.46 -20.74 -10.05
CA SER B 139 -22.85 -20.79 -9.55
C SER B 139 -23.06 -21.79 -8.37
N PRO B 140 -24.18 -21.76 -7.63
CA PRO B 140 -24.37 -22.75 -6.57
C PRO B 140 -24.45 -24.18 -7.13
N GLU B 141 -24.58 -24.32 -8.48
CA GLU B 141 -24.65 -25.61 -9.18
C GLU B 141 -23.31 -25.89 -9.88
N MET B 142 -22.25 -25.16 -9.46
CA MET B 142 -20.87 -25.25 -9.97
C MET B 142 -20.76 -25.08 -11.50
N ASN B 143 -21.50 -24.13 -12.06
CA ASN B 143 -21.41 -23.77 -13.47
C ASN B 143 -20.70 -22.41 -13.55
N PHE B 144 -19.67 -22.30 -14.41
CA PHE B 144 -18.91 -21.07 -14.59
C PHE B 144 -19.81 -19.90 -15.01
N VAL B 145 -19.61 -18.74 -14.37
CA VAL B 145 -20.39 -17.53 -14.62
C VAL B 145 -19.50 -16.39 -15.18
N LYS B 146 -18.49 -15.94 -14.39
CA LYS B 146 -17.60 -14.86 -14.79
C LYS B 146 -16.17 -15.02 -14.32
N PHE B 147 -15.25 -14.54 -15.13
CA PHE B 147 -13.82 -14.51 -14.89
C PHE B 147 -13.43 -13.10 -14.39
N TYR B 148 -12.43 -13.05 -13.47
CA TYR B 148 -11.87 -11.83 -12.88
C TYR B 148 -10.34 -11.88 -12.84
N GLY B 149 -9.70 -11.02 -13.64
CA GLY B 149 -8.25 -10.91 -13.77
C GLY B 149 -7.57 -10.10 -12.68
N LYS B 150 -6.24 -9.93 -12.81
CA LYS B 150 -5.36 -9.22 -11.88
C LYS B 150 -5.75 -7.74 -11.70
N ASN B 151 -6.23 -7.10 -12.78
CA ASN B 151 -6.56 -5.67 -12.82
C ASN B 151 -7.72 -5.19 -11.92
N HIS B 152 -8.60 -6.10 -11.48
CA HIS B 152 -9.73 -5.78 -10.60
C HIS B 152 -9.27 -5.38 -9.21
N ASP B 153 -9.96 -4.41 -8.60
CA ASP B 153 -9.74 -3.95 -7.22
C ASP B 153 -10.89 -4.54 -6.40
N VAL B 154 -10.83 -4.45 -5.04
CA VAL B 154 -11.90 -4.95 -4.16
C VAL B 154 -13.27 -4.43 -4.61
N ASP B 155 -13.34 -3.12 -4.97
CA ASP B 155 -14.58 -2.49 -5.39
C ASP B 155 -15.14 -3.03 -6.70
N SER B 156 -14.33 -3.24 -7.72
CA SER B 156 -14.82 -3.77 -9.00
C SER B 156 -15.20 -5.26 -8.93
N LEU B 157 -14.48 -6.05 -8.06
CA LEU B 157 -14.70 -7.48 -7.84
C LEU B 157 -16.02 -7.67 -7.04
N THR B 158 -16.25 -6.85 -6.03
CA THR B 158 -17.48 -6.87 -5.26
C THR B 158 -18.63 -6.49 -6.20
N ASP B 159 -18.62 -5.26 -6.78
CA ASP B 159 -19.65 -4.75 -7.69
C ASP B 159 -20.03 -5.74 -8.79
N GLY B 160 -19.02 -6.33 -9.45
CA GLY B 160 -19.19 -7.33 -10.50
C GLY B 160 -19.86 -8.59 -10.00
N VAL B 161 -19.29 -9.23 -8.93
CA VAL B 161 -19.84 -10.47 -8.36
C VAL B 161 -21.29 -10.25 -7.94
N VAL B 162 -21.57 -9.12 -7.25
CA VAL B 162 -22.92 -8.72 -6.82
C VAL B 162 -23.89 -8.58 -8.05
N LYS B 163 -23.40 -7.99 -9.18
CA LYS B 163 -24.15 -7.84 -10.44
C LYS B 163 -24.47 -9.21 -11.06
N GLU B 164 -23.48 -10.11 -11.11
CA GLU B 164 -23.67 -11.45 -11.66
C GLU B 164 -24.74 -12.23 -10.86
N ILE B 165 -24.72 -12.14 -9.52
CA ILE B 165 -25.68 -12.83 -8.65
C ILE B 165 -27.10 -12.28 -8.85
N ARG B 166 -27.27 -10.96 -8.88
CA ARG B 166 -28.58 -10.32 -9.10
C ARG B 166 -29.26 -10.79 -10.42
N GLN B 167 -28.43 -11.08 -11.46
CA GLN B 167 -28.83 -11.41 -12.83
C GLN B 167 -28.91 -12.90 -13.16
N TYR B 168 -28.43 -13.78 -12.27
CA TYR B 168 -28.43 -15.23 -12.47
C TYR B 168 -29.69 -15.84 -11.91
N ALA C 8 5.55 5.97 -20.21
CA ALA C 8 5.12 7.27 -19.70
C ALA C 8 6.24 8.35 -19.73
N ILE C 9 5.83 9.61 -19.46
CA ILE C 9 6.70 10.80 -19.44
C ILE C 9 7.51 10.80 -18.14
N GLY C 10 8.80 10.61 -18.32
CA GLY C 10 9.78 10.48 -17.26
C GLY C 10 10.59 9.22 -17.43
N GLY C 11 11.48 8.97 -16.49
CA GLY C 11 12.35 7.81 -16.50
C GLY C 11 13.63 8.03 -15.73
N PRO C 12 14.48 6.97 -15.62
CA PRO C 12 15.74 7.09 -14.87
C PRO C 12 16.65 8.27 -15.20
N PHE C 13 17.31 8.78 -14.16
CA PHE C 13 18.28 9.84 -14.24
C PHE C 13 19.36 9.62 -13.17
N SER C 14 20.55 10.21 -13.39
CA SER C 14 21.64 10.21 -12.40
C SER C 14 22.10 11.64 -12.35
N LEU C 15 21.65 12.39 -11.34
CA LEU C 15 21.94 13.80 -11.19
C LEU C 15 22.65 14.08 -9.86
N ILE C 16 23.04 15.34 -9.63
CA ILE C 16 23.71 15.78 -8.40
C ILE C 16 22.78 16.72 -7.69
N ARG C 17 22.48 16.42 -6.41
CA ARG C 17 21.61 17.20 -5.57
C ARG C 17 22.36 18.43 -5.00
N ASP C 18 21.61 19.47 -4.60
CA ASP C 18 22.11 20.75 -4.06
C ASP C 18 23.06 20.60 -2.85
N ASP C 19 23.09 19.40 -2.23
CA ASP C 19 23.95 19.09 -1.09
C ASP C 19 25.27 18.45 -1.54
N GLY C 20 25.39 18.19 -2.85
CA GLY C 20 26.57 17.57 -3.46
C GLY C 20 26.46 16.06 -3.65
N LYS C 21 25.39 15.43 -3.10
CA LYS C 21 25.16 13.99 -3.19
C LYS C 21 24.68 13.61 -4.59
N ARG C 22 25.12 12.45 -5.08
CA ARG C 22 24.62 11.95 -6.36
C ARG C 22 23.32 11.22 -6.06
N VAL C 23 22.29 11.53 -6.85
CA VAL C 23 20.95 10.95 -6.69
C VAL C 23 20.43 10.34 -7.99
N THR C 24 19.38 9.50 -7.85
CA THR C 24 18.61 8.92 -8.94
C THR C 24 17.14 9.19 -8.61
N GLU C 25 16.22 8.71 -9.46
CA GLU C 25 14.77 8.81 -9.30
C GLU C 25 14.34 8.12 -8.02
N LYS C 26 15.15 7.13 -7.58
CA LYS C 26 14.92 6.31 -6.38
C LYS C 26 15.10 7.10 -5.09
N ASN C 27 15.86 8.20 -5.14
CA ASN C 27 16.10 9.09 -4.00
C ASN C 27 14.92 10.01 -3.74
N LEU C 28 14.01 10.12 -4.71
CA LEU C 28 12.82 10.97 -4.67
C LEU C 28 11.59 10.16 -4.30
N MET C 29 11.68 8.82 -4.36
CA MET C 29 10.60 7.90 -4.00
C MET C 29 10.29 7.92 -2.49
N GLY C 30 9.04 7.59 -2.15
CA GLY C 30 8.51 7.59 -0.80
C GLY C 30 7.62 8.78 -0.49
N LYS C 31 7.60 9.81 -1.36
CA LYS C 31 6.78 11.02 -1.17
C LYS C 31 6.27 11.57 -2.49
N TRP C 32 5.08 12.26 -2.47
CA TRP C 32 4.52 12.96 -3.66
C TRP C 32 5.51 14.07 -4.03
N THR C 33 5.84 14.18 -5.31
CA THR C 33 6.85 15.10 -5.81
C THR C 33 6.33 15.94 -6.96
N ILE C 34 6.72 17.24 -6.98
CA ILE C 34 6.44 18.13 -8.12
C ILE C 34 7.77 18.57 -8.73
N LEU C 35 8.00 18.24 -10.01
CA LEU C 35 9.24 18.62 -10.73
C LEU C 35 9.07 19.90 -11.56
N TYR C 36 9.99 20.81 -11.39
CA TYR C 36 10.02 22.05 -12.16
C TYR C 36 11.39 22.09 -12.83
N PHE C 37 11.42 22.42 -14.12
CA PHE C 37 12.66 22.59 -14.88
C PHE C 37 12.78 24.08 -15.10
N GLY C 38 13.97 24.60 -14.84
CA GLY C 38 14.29 26.00 -15.00
C GLY C 38 15.78 26.21 -14.93
N PHE C 39 16.20 27.49 -14.64
CA PHE C 39 17.59 27.92 -14.50
C PHE C 39 17.68 29.11 -13.55
N THR C 40 18.75 29.17 -12.73
CA THR C 40 18.92 30.18 -11.68
C THR C 40 19.05 31.61 -12.19
N HIS C 41 19.54 31.82 -13.42
CA HIS C 41 19.72 33.15 -13.99
C HIS C 41 18.48 33.68 -14.74
N CYS C 42 17.31 33.01 -14.56
CA CYS C 42 16.07 33.39 -15.22
C CYS C 42 15.50 34.67 -14.64
N PRO C 43 15.29 35.72 -15.48
CA PRO C 43 14.87 37.02 -14.95
C PRO C 43 13.49 37.08 -14.27
N ASP C 44 12.44 36.45 -14.86
CA ASP C 44 11.09 36.54 -14.31
C ASP C 44 10.35 35.23 -14.19
N ILE C 45 10.30 34.44 -15.28
CA ILE C 45 9.55 33.19 -15.41
C ILE C 45 9.80 32.21 -14.24
N CYS C 46 11.06 31.70 -14.07
CA CYS C 46 11.42 30.74 -13.00
C CYS C 46 11.17 31.31 -11.61
N PRO C 47 11.65 32.52 -11.21
CA PRO C 47 11.30 33.05 -9.87
C PRO C 47 9.79 33.05 -9.59
N ASP C 48 8.95 33.45 -10.59
CA ASP C 48 7.50 33.45 -10.47
C ASP C 48 6.89 32.05 -10.24
N GLU C 49 7.31 31.06 -11.02
CA GLU C 49 6.82 29.69 -10.95
C GLU C 49 7.20 28.99 -9.67
N LEU C 50 8.45 29.19 -9.27
CA LEU C 50 8.96 28.64 -8.03
C LEU C 50 8.27 29.26 -6.86
N ILE C 51 7.93 30.58 -6.92
CA ILE C 51 7.20 31.24 -5.82
C ILE C 51 5.83 30.56 -5.72
N LYS C 52 5.17 30.39 -6.88
CA LYS C 52 3.90 29.72 -7.07
C LYS C 52 3.91 28.33 -6.44
N LEU C 53 4.92 27.53 -6.79
CA LEU C 53 5.10 26.18 -6.30
C LEU C 53 5.35 26.11 -4.80
N ALA C 54 6.20 27.00 -4.27
CA ALA C 54 6.54 27.08 -2.83
C ALA C 54 5.31 27.37 -1.98
N ALA C 55 4.45 28.30 -2.43
CA ALA C 55 3.22 28.68 -1.73
C ALA C 55 2.16 27.58 -1.90
N ALA C 56 2.19 26.87 -3.05
CA ALA C 56 1.27 25.76 -3.34
C ALA C 56 1.59 24.59 -2.40
N ILE C 57 2.91 24.26 -2.21
CA ILE C 57 3.40 23.20 -1.30
C ILE C 57 2.78 23.35 0.10
N ASP C 58 2.81 24.58 0.63
CA ASP C 58 2.26 24.94 1.93
C ASP C 58 0.73 24.86 1.99
N LYS C 59 0.05 25.32 0.95
CA LYS C 59 -1.41 25.29 0.87
C LYS C 59 -1.92 23.83 0.80
N ILE C 60 -1.27 23.00 -0.03
CA ILE C 60 -1.57 21.57 -0.14
C ILE C 60 -1.52 20.94 1.24
N LYS C 61 -0.40 21.15 1.97
CA LYS C 61 -0.21 20.59 3.31
C LYS C 61 -1.30 21.05 4.27
N GLU C 62 -1.66 22.35 4.23
CA GLU C 62 -2.71 22.91 5.09
C GLU C 62 -4.07 22.26 4.82
N ASN C 63 -4.39 22.06 3.54
CA ASN C 63 -5.68 21.57 3.05
C ASN C 63 -5.86 20.06 3.03
N SER C 64 -4.79 19.30 2.75
CA SER C 64 -4.83 17.83 2.63
C SER C 64 -4.10 17.07 3.74
N GLY C 65 -3.06 17.69 4.29
CA GLY C 65 -2.17 17.07 5.26
C GLY C 65 -1.00 16.35 4.61
N VAL C 66 -0.91 16.34 3.26
CA VAL C 66 0.14 15.66 2.48
C VAL C 66 1.38 16.55 2.24
N ASP C 67 2.58 16.02 2.56
CA ASP C 67 3.85 16.69 2.29
C ASP C 67 4.24 16.38 0.83
N VAL C 68 4.25 17.42 -0.01
CA VAL C 68 4.62 17.29 -1.40
C VAL C 68 5.98 17.95 -1.53
N VAL C 69 6.95 17.24 -2.18
CA VAL C 69 8.31 17.72 -2.32
C VAL C 69 8.50 18.48 -3.62
N PRO C 70 8.83 19.79 -3.56
CA PRO C 70 9.11 20.52 -4.79
C PRO C 70 10.56 20.21 -5.23
N VAL C 71 10.80 20.04 -6.54
CA VAL C 71 12.12 19.69 -7.09
C VAL C 71 12.44 20.59 -8.25
N PHE C 72 13.59 21.29 -8.20
CA PHE C 72 14.06 22.18 -9.26
C PHE C 72 15.17 21.46 -10.04
N ILE C 73 14.99 21.26 -11.36
CA ILE C 73 16.00 20.63 -12.22
C ILE C 73 16.52 21.70 -13.17
N SER C 74 17.83 21.92 -13.16
CA SER C 74 18.44 22.94 -13.98
C SER C 74 18.64 22.56 -15.44
N VAL C 75 18.25 23.47 -16.35
CA VAL C 75 18.44 23.36 -17.81
C VAL C 75 19.63 24.24 -18.25
N ASP C 76 20.46 24.68 -17.26
CA ASP C 76 21.66 25.49 -17.49
C ASP C 76 22.84 24.95 -16.65
N PRO C 77 23.32 23.71 -16.90
CA PRO C 77 24.42 23.17 -16.09
C PRO C 77 25.77 23.91 -16.16
N GLU C 78 25.99 24.75 -17.20
CA GLU C 78 27.25 25.51 -17.38
C GLU C 78 27.46 26.55 -16.30
N ARG C 79 26.35 27.17 -15.83
CA ARG C 79 26.35 28.23 -14.81
C ARG C 79 25.81 27.76 -13.45
N ASP C 80 24.82 26.84 -13.49
CA ASP C 80 24.13 26.30 -12.32
C ASP C 80 24.85 25.12 -11.67
N THR C 81 25.86 25.46 -10.89
CA THR C 81 26.67 24.50 -10.14
C THR C 81 25.90 24.11 -8.89
N VAL C 82 26.39 23.10 -8.14
CA VAL C 82 25.82 22.63 -6.87
C VAL C 82 25.63 23.81 -5.91
N GLN C 83 26.68 24.62 -5.71
CA GLN C 83 26.67 25.77 -4.80
C GLN C 83 25.69 26.84 -5.25
N GLN C 84 25.61 27.07 -6.58
CA GLN C 84 24.69 28.04 -7.20
C GLN C 84 23.24 27.58 -7.01
N VAL C 85 22.95 26.31 -7.34
CA VAL C 85 21.61 25.72 -7.21
C VAL C 85 21.17 25.70 -5.73
N HIS C 86 22.11 25.35 -4.81
CA HIS C 86 21.86 25.30 -3.36
C HIS C 86 21.42 26.65 -2.84
N GLU C 87 22.20 27.70 -3.14
CA GLU C 87 21.93 29.07 -2.72
C GLU C 87 20.61 29.59 -3.29
N TYR C 88 20.29 29.23 -4.53
CA TYR C 88 19.06 29.64 -5.20
C TYR C 88 17.81 29.02 -4.60
N VAL C 89 17.79 27.67 -4.44
CA VAL C 89 16.64 26.89 -3.95
C VAL C 89 16.24 27.29 -2.52
N LYS C 90 17.23 27.53 -1.64
CA LYS C 90 17.03 27.91 -0.24
C LYS C 90 16.20 29.19 -0.08
N GLU C 91 16.19 30.07 -1.12
CA GLU C 91 15.50 31.36 -1.16
C GLU C 91 13.96 31.26 -1.25
N PHE C 92 13.45 30.19 -1.93
CA PHE C 92 12.03 29.99 -2.25
C PHE C 92 11.20 29.24 -1.22
N HIS C 93 11.73 28.13 -0.68
CA HIS C 93 11.08 27.25 0.31
C HIS C 93 12.17 26.40 0.96
N PRO C 94 12.09 26.11 2.29
CA PRO C 94 13.14 25.28 2.88
C PRO C 94 13.13 23.83 2.41
N LYS C 95 12.05 23.37 1.79
CA LYS C 95 11.95 21.97 1.35
C LYS C 95 12.08 21.78 -0.15
N LEU C 96 12.52 22.81 -0.88
CA LEU C 96 12.77 22.71 -2.30
C LEU C 96 14.17 22.09 -2.50
N ILE C 97 14.21 20.96 -3.23
CA ILE C 97 15.40 20.19 -3.63
C ILE C 97 15.87 20.73 -5.00
N GLY C 98 17.18 20.94 -5.16
CA GLY C 98 17.76 21.42 -6.40
C GLY C 98 18.61 20.35 -7.04
N LEU C 99 18.42 20.13 -8.34
CA LEU C 99 19.10 19.08 -9.07
C LEU C 99 19.87 19.63 -10.26
N THR C 100 21.05 19.06 -10.52
CA THR C 100 21.90 19.52 -11.62
C THR C 100 22.74 18.35 -12.15
N GLY C 101 23.71 18.64 -13.00
CA GLY C 101 24.58 17.59 -13.54
C GLY C 101 25.43 18.04 -14.68
N SER C 102 25.92 17.07 -15.46
CA SER C 102 26.73 17.32 -16.64
C SER C 102 25.78 17.73 -17.78
N PRO C 103 26.20 18.50 -18.80
CA PRO C 103 25.24 18.85 -19.88
C PRO C 103 24.59 17.64 -20.56
N GLU C 104 25.27 16.45 -20.51
CA GLU C 104 24.80 15.16 -21.02
C GLU C 104 23.74 14.56 -20.07
N GLU C 105 23.99 14.61 -18.73
CA GLU C 105 23.06 14.12 -17.69
C GLU C 105 21.76 14.92 -17.72
N ILE C 106 21.86 16.24 -17.93
CA ILE C 106 20.73 17.18 -18.06
C ILE C 106 19.98 16.91 -19.38
N LYS C 107 20.70 16.55 -20.46
CA LYS C 107 20.15 16.24 -21.78
C LYS C 107 19.28 14.98 -21.69
N SER C 108 19.75 13.96 -20.96
CA SER C 108 19.07 12.68 -20.76
C SER C 108 17.77 12.85 -19.97
N VAL C 109 17.79 13.64 -18.87
CA VAL C 109 16.61 13.85 -18.05
C VAL C 109 15.56 14.76 -18.76
N ALA C 110 16.00 15.80 -19.51
CA ALA C 110 15.08 16.67 -20.24
C ALA C 110 14.40 15.84 -21.34
N ARG C 111 15.16 14.96 -22.03
CA ARG C 111 14.63 14.05 -23.03
C ARG C 111 13.54 13.15 -22.42
N SER C 112 13.83 12.50 -21.27
CA SER C 112 12.93 11.62 -20.53
C SER C 112 11.61 12.27 -20.18
N TYR C 113 11.67 13.55 -19.76
CA TYR C 113 10.50 14.35 -19.37
C TYR C 113 9.92 15.13 -20.56
N ARG C 114 10.48 14.97 -21.76
CA ARG C 114 10.00 15.67 -22.96
C ARG C 114 10.05 17.20 -22.76
N VAL C 115 11.19 17.69 -22.24
CA VAL C 115 11.45 19.10 -21.99
C VAL C 115 12.34 19.70 -23.11
N TYR C 116 11.92 20.86 -23.63
CA TYR C 116 12.66 21.63 -24.61
C TYR C 116 13.54 22.61 -23.83
N TYR C 117 14.80 22.76 -24.23
CA TYR C 117 15.73 23.72 -23.66
C TYR C 117 16.78 24.11 -24.70
N MET C 118 17.00 25.41 -24.88
CA MET C 118 17.95 25.89 -25.86
C MET C 118 18.57 27.21 -25.43
N LYS C 119 19.91 27.26 -25.42
CA LYS C 119 20.64 28.48 -25.10
C LYS C 119 20.33 29.55 -26.15
N THR C 120 20.07 30.77 -25.70
CA THR C 120 19.79 31.90 -26.59
C THR C 120 20.66 33.05 -26.11
N GLU C 121 21.53 33.54 -27.00
CA GLU C 121 22.48 34.62 -26.76
C GLU C 121 21.81 35.91 -26.28
N GLU C 122 22.47 36.56 -25.31
CA GLU C 122 22.02 37.79 -24.67
C GLU C 122 23.18 38.76 -24.46
N GLU C 123 22.86 40.06 -24.40
CA GLU C 123 23.86 41.09 -24.18
C GLU C 123 23.99 41.30 -22.69
N ASP C 124 22.89 41.67 -22.00
CA ASP C 124 22.87 41.93 -20.55
C ASP C 124 23.24 40.68 -19.75
N SER C 125 22.52 39.57 -19.98
CA SER C 125 22.88 38.27 -19.42
C SER C 125 23.92 37.73 -20.40
N ASP C 126 24.75 36.73 -20.05
CA ASP C 126 25.69 36.26 -21.08
C ASP C 126 24.87 35.56 -22.17
N TYR C 127 23.86 34.84 -21.69
CA TYR C 127 22.88 34.11 -22.44
C TYR C 127 21.74 33.73 -21.48
N LEU C 128 20.62 33.34 -22.03
CA LEU C 128 19.50 32.81 -21.27
C LEU C 128 19.22 31.43 -21.87
N VAL C 129 18.37 30.65 -21.24
CA VAL C 129 18.03 29.32 -21.73
C VAL C 129 16.54 29.29 -21.93
N ASP C 130 16.11 29.27 -23.20
CA ASP C 130 14.72 29.23 -23.59
C ASP C 130 14.26 27.82 -23.29
N HIS C 131 13.20 27.67 -22.48
CA HIS C 131 12.73 26.36 -22.05
C HIS C 131 11.21 26.24 -21.87
N SER C 132 10.73 24.99 -21.73
CA SER C 132 9.34 24.60 -21.52
C SER C 132 8.98 25.00 -20.08
N ILE C 133 7.87 25.73 -19.90
CA ILE C 133 7.39 26.13 -18.56
C ILE C 133 6.43 25.05 -18.14
N VAL C 134 6.99 24.12 -17.34
CA VAL C 134 6.36 22.85 -17.00
C VAL C 134 6.57 22.37 -15.55
N MET C 135 5.47 21.87 -14.93
CA MET C 135 5.42 21.25 -13.59
C MET C 135 4.79 19.86 -13.68
N TYR C 136 5.52 18.84 -13.21
CA TYR C 136 5.15 17.41 -13.27
C TYR C 136 4.85 16.86 -11.90
N LEU C 137 3.60 16.42 -11.66
CA LEU C 137 3.20 15.81 -10.40
C LEU C 137 3.46 14.30 -10.52
N MET C 138 4.36 13.79 -9.69
CA MET C 138 4.80 12.40 -9.66
C MET C 138 4.36 11.79 -8.36
N SER C 139 4.01 10.51 -8.41
CA SER C 139 3.52 9.72 -7.27
C SER C 139 4.66 9.33 -6.28
N PRO C 140 4.35 8.77 -5.07
CA PRO C 140 5.43 8.37 -4.16
C PRO C 140 6.31 7.26 -4.74
N GLU C 141 5.86 6.63 -5.85
CA GLU C 141 6.59 5.55 -6.56
C GLU C 141 7.22 6.10 -7.84
N MET C 142 7.31 7.42 -7.95
CA MET C 142 7.88 8.19 -9.07
C MET C 142 7.25 7.83 -10.43
N ASN C 143 5.93 7.71 -10.48
CA ASN C 143 5.18 7.50 -11.71
C ASN C 143 4.41 8.81 -11.99
N PHE C 144 4.50 9.32 -13.21
CA PHE C 144 3.84 10.54 -13.65
C PHE C 144 2.33 10.49 -13.43
N VAL C 145 1.77 11.56 -12.85
CA VAL C 145 0.34 11.64 -12.57
C VAL C 145 -0.34 12.78 -13.39
N LYS C 146 0.10 14.04 -13.20
CA LYS C 146 -0.47 15.18 -13.90
C LYS C 146 0.55 16.26 -14.21
N PHE C 147 0.31 16.95 -15.33
CA PHE C 147 1.08 18.08 -15.81
C PHE C 147 0.36 19.39 -15.40
N TYR C 148 1.17 20.45 -15.10
CA TYR C 148 0.71 21.79 -14.74
C TYR C 148 1.53 22.88 -15.48
N GLY C 149 0.85 23.62 -16.36
CA GLY C 149 1.43 24.69 -17.15
C GLY C 149 1.56 26.03 -16.46
N LYS C 150 1.99 27.05 -17.21
CA LYS C 150 2.21 28.45 -16.78
C LYS C 150 0.94 29.12 -16.29
N ASN C 151 -0.21 28.78 -16.91
CA ASN C 151 -1.53 29.38 -16.66
C ASN C 151 -2.14 29.13 -15.27
N HIS C 152 -1.67 28.12 -14.53
CA HIS C 152 -2.12 27.82 -13.17
C HIS C 152 -1.71 28.90 -12.18
N ASP C 153 -2.60 29.20 -11.21
CA ASP C 153 -2.31 30.12 -10.10
C ASP C 153 -2.12 29.24 -8.88
N VAL C 154 -1.67 29.80 -7.72
CA VAL C 154 -1.48 29.01 -6.49
C VAL C 154 -2.73 28.20 -6.15
N ASP C 155 -3.92 28.80 -6.31
CA ASP C 155 -5.20 28.16 -6.02
C ASP C 155 -5.51 26.98 -6.94
N SER C 156 -5.25 27.07 -8.24
CA SER C 156 -5.51 25.95 -9.13
C SER C 156 -4.46 24.84 -9.03
N LEU C 157 -3.19 25.22 -8.78
CA LEU C 157 -2.14 24.22 -8.60
C LEU C 157 -2.41 23.39 -7.32
N THR C 158 -2.80 24.07 -6.18
CA THR C 158 -3.16 23.46 -4.90
C THR C 158 -4.36 22.55 -5.07
N ASP C 159 -5.53 23.11 -5.52
CA ASP C 159 -6.77 22.37 -5.76
C ASP C 159 -6.56 21.12 -6.64
N GLY C 160 -5.81 21.32 -7.74
CA GLY C 160 -5.44 20.29 -8.72
C GLY C 160 -4.61 19.17 -8.12
N VAL C 161 -3.52 19.51 -7.40
CA VAL C 161 -2.63 18.54 -6.75
C VAL C 161 -3.38 17.76 -5.67
N VAL C 162 -4.17 18.48 -4.82
CA VAL C 162 -5.00 17.90 -3.76
C VAL C 162 -6.03 16.90 -4.35
N LYS C 163 -6.67 17.22 -5.51
CA LYS C 163 -7.62 16.36 -6.23
C LYS C 163 -6.94 15.09 -6.75
N GLU C 164 -5.76 15.24 -7.37
CA GLU C 164 -4.99 14.08 -7.86
C GLU C 164 -4.61 13.11 -6.73
N ILE C 165 -4.17 13.62 -5.57
CA ILE C 165 -3.80 12.80 -4.42
C ILE C 165 -5.03 12.08 -3.85
N ARG C 166 -6.18 12.77 -3.68
CA ARG C 166 -7.39 12.13 -3.11
C ARG C 166 -8.01 11.02 -4.03
N GLN C 167 -7.58 10.96 -5.32
CA GLN C 167 -8.05 10.01 -6.35
C GLN C 167 -7.02 8.92 -6.75
N TYR C 168 -5.77 9.06 -6.30
CA TYR C 168 -4.69 8.10 -6.59
C TYR C 168 -4.64 7.03 -5.51
CU CU1 D . -10.30 3.35 10.76
CU CU1 E . 0.87 -16.64 -7.29
CU CU1 F . 13.24 30.36 -16.68
#